data_2I3D
#
_entry.id   2I3D
#
_cell.length_a   46.549
_cell.length_b   50.579
_cell.length_c   54.844
_cell.angle_alpha   92.25
_cell.angle_beta   115.17
_cell.angle_gamma   99.82
#
_symmetry.space_group_name_H-M   'P 1'
#
loop_
_entity.id
_entity.type
_entity.pdbx_description
1 polymer 'Hypothetical protein Atu1826'
2 non-polymer 'MAGNESIUM ION'
3 non-polymer 'CHLORIDE ION'
4 water water
#
_entity_poly.entity_id   1
_entity_poly.type   'polypeptide(L)'
_entity_poly.pdbx_seq_one_letter_code
;(MSE)GSSHHHHHHSSGRENLYFQGH(MSE)PEVIFNGPAGRLEGRYQPSKEKSAPIAIILHPHPQFGGT(MSE)NNQIV
YQLFYLFQKRGFTTLRFNFRSIGRSQGEFDHGAGELSDAASALDWVQSLHPDSKSCWVAGYSFGAWIG(MSE)QLL
(MSE)RRPEIEGF(MSE)SIAPQPNTYDFSFLAPCPSSGLIINGDADKVAPEKDVNGLVEKLKTQKGILITHRTLPGANH
FFNGKVDEL(MSE)GECEDYLDRRLNGELVPEPAAKRIRGS
;
_entity_poly.pdbx_strand_id   A,B
#
loop_
_chem_comp.id
_chem_comp.type
_chem_comp.name
_chem_comp.formula
CL non-polymer 'CHLORIDE ION' 'Cl -1'
MG non-polymer 'MAGNESIUM ION' 'Mg 2'
#
# COMPACT_ATOMS: atom_id res chain seq x y z
N PRO A 24 0.60 21.14 -4.30
CA PRO A 24 0.62 19.84 -5.03
C PRO A 24 -0.77 19.23 -5.23
N GLU A 25 -1.71 19.51 -4.34
CA GLU A 25 -3.06 18.95 -4.48
C GLU A 25 -3.82 19.60 -5.64
N VAL A 26 -4.31 18.83 -6.60
CA VAL A 26 -4.98 19.42 -7.78
C VAL A 26 -6.26 18.68 -8.07
N ILE A 27 -7.17 19.36 -8.77
CA ILE A 27 -8.40 18.78 -9.26
C ILE A 27 -8.50 19.25 -10.69
N PHE A 28 -8.75 18.31 -11.58
CA PHE A 28 -8.95 18.60 -12.99
C PHE A 28 -10.15 17.81 -13.51
N ASN A 29 -10.60 18.14 -14.71
CA ASN A 29 -11.81 17.52 -15.23
C ASN A 29 -11.52 16.36 -16.13
N GLY A 30 -12.16 15.24 -15.84
CA GLY A 30 -12.13 14.10 -16.70
C GLY A 30 -13.52 13.87 -17.27
N PRO A 31 -13.66 12.86 -18.14
CA PRO A 31 -14.94 12.54 -18.74
C PRO A 31 -16.06 12.19 -17.75
N ALA A 32 -15.72 11.70 -16.55
CA ALA A 32 -16.74 11.30 -15.58
C ALA A 32 -16.95 12.35 -14.48
N GLY A 33 -16.26 13.48 -14.60
CA GLY A 33 -16.27 14.52 -13.57
C GLY A 33 -14.88 14.83 -13.07
N ARG A 34 -14.83 15.29 -11.83
CA ARG A 34 -13.58 15.74 -11.20
C ARG A 34 -12.63 14.55 -11.02
N LEU A 35 -11.36 14.80 -11.28
CA LEU A 35 -10.31 13.84 -10.94
C LEU A 35 -9.34 14.55 -10.02
N GLU A 36 -8.99 13.88 -8.93
CA GLU A 36 -8.06 14.45 -7.99
C GLU A 36 -6.64 13.91 -8.24
N GLY A 37 -5.66 14.78 -8.08
CA GLY A 37 -4.28 14.43 -8.36
C GLY A 37 -3.30 15.08 -7.41
N ARG A 38 -2.03 14.68 -7.55
CA ARG A 38 -0.91 15.29 -6.86
C ARG A 38 0.11 15.62 -7.96
N TYR A 39 0.53 16.88 -8.01
CA TYR A 39 1.26 17.45 -9.13
C TYR A 39 2.51 18.16 -8.62
N GLN A 40 3.64 17.91 -9.26
CA GLN A 40 4.89 18.65 -9.01
C GLN A 40 5.47 19.09 -10.36
N PRO A 41 5.42 20.40 -10.65
CA PRO A 41 6.01 20.88 -11.88
C PRO A 41 7.53 20.85 -11.77
N SER A 42 8.19 20.66 -12.90
CA SER A 42 9.65 20.69 -12.92
C SER A 42 10.08 22.14 -12.77
N LYS A 43 11.20 22.35 -12.09
CA LYS A 43 11.79 23.68 -12.11
C LYS A 43 12.49 24.00 -13.45
N GLU A 44 12.72 22.99 -14.29
CA GLU A 44 13.35 23.24 -15.58
C GLU A 44 12.42 23.38 -16.76
N LYS A 45 12.90 24.11 -17.76
CA LYS A 45 12.11 24.47 -18.91
C LYS A 45 11.98 23.29 -19.84
N SER A 46 10.78 23.08 -20.36
CA SER A 46 10.56 22.06 -21.35
C SER A 46 10.85 20.66 -20.79
N ALA A 47 10.69 20.47 -19.46
CA ALA A 47 11.00 19.19 -18.81
C ALA A 47 10.01 18.10 -19.29
N PRO A 48 10.47 16.84 -19.36
CA PRO A 48 9.56 15.75 -19.73
C PRO A 48 8.52 15.58 -18.61
N ILE A 49 7.38 15.03 -18.99
CA ILE A 49 6.26 14.77 -18.09
C ILE A 49 6.25 13.29 -17.77
N ALA A 50 5.91 12.96 -16.52
CA ALA A 50 5.68 11.60 -16.12
C ALA A 50 4.27 11.51 -15.52
N ILE A 51 3.52 10.50 -15.96
CA ILE A 51 2.18 10.20 -15.43
C ILE A 51 2.29 8.86 -14.72
N ILE A 52 1.81 8.78 -13.47
CA ILE A 52 1.92 7.54 -12.67
C ILE A 52 0.51 7.03 -12.42
N LEU A 53 0.28 5.73 -12.71
CA LEU A 53 -1.07 5.12 -12.71
C LEU A 53 -1.15 3.97 -11.70
N HIS A 54 -2.25 3.96 -10.92
CA HIS A 54 -2.34 3.10 -9.74
C HIS A 54 -3.10 1.79 -9.99
N PRO A 55 -3.02 0.81 -9.03
CA PRO A 55 -3.74 -0.47 -9.20
C PRO A 55 -5.27 -0.39 -9.10
N HIS A 56 -5.90 -1.53 -9.42
CA HIS A 56 -7.36 -1.66 -9.28
C HIS A 56 -7.71 -1.53 -7.80
N PRO A 57 -8.87 -0.94 -7.48
CA PRO A 57 -9.26 -0.90 -6.06
C PRO A 57 -9.41 -2.28 -5.39
N GLN A 58 -9.57 -3.34 -6.16
CA GLN A 58 -9.64 -4.68 -5.52
C GLN A 58 -8.32 -5.01 -4.82
N PHE A 59 -7.21 -4.45 -5.33
CA PHE A 59 -5.89 -4.63 -4.69
C PHE A 59 -5.47 -3.39 -3.91
N GLY A 60 -6.47 -2.65 -3.43
CA GLY A 60 -6.26 -1.44 -2.65
C GLY A 60 -5.56 -0.30 -3.41
N GLY A 61 -5.71 -0.25 -4.74
CA GLY A 61 -5.07 0.84 -5.52
C GLY A 61 -5.61 2.27 -5.27
N THR A 62 -4.69 3.19 -4.98
CA THR A 62 -4.98 4.63 -4.97
C THR A 62 -3.67 5.31 -5.33
N MSE A 63 -3.75 6.61 -5.61
CA MSE A 63 -2.57 7.38 -5.95
C MSE A 63 -1.59 7.47 -4.77
O MSE A 63 -0.46 7.90 -4.96
CB MSE A 63 -2.99 8.77 -6.36
CG MSE A 63 -3.52 9.62 -5.18
SE MSE A 63 -4.09 11.33 -5.87
CE MSE A 63 -4.51 12.18 -4.17
N ASN A 64 -2.00 7.06 -3.57
CA ASN A 64 -1.04 7.13 -2.44
C ASN A 64 -0.47 5.81 -1.98
N ASN A 65 -0.72 4.75 -2.75
CA ASN A 65 -0.03 3.48 -2.53
CA ASN A 65 -0.06 3.45 -2.62
C ASN A 65 1.46 3.71 -2.54
N GLN A 66 2.21 3.02 -1.68
CA GLN A 66 3.64 3.34 -1.53
CA GLN A 66 3.62 3.38 -1.54
C GLN A 66 4.39 3.24 -2.85
N ILE A 67 4.12 2.17 -3.60
CA ILE A 67 4.84 1.98 -4.88
C ILE A 67 4.52 3.13 -5.86
N VAL A 68 3.25 3.53 -5.90
CA VAL A 68 2.83 4.67 -6.74
C VAL A 68 3.52 5.97 -6.31
N TYR A 69 3.52 6.23 -5.00
CA TYR A 69 4.19 7.40 -4.48
C TYR A 69 5.68 7.37 -4.82
N GLN A 70 6.31 6.21 -4.61
CA GLN A 70 7.76 6.13 -4.82
C GLN A 70 8.10 6.31 -6.30
N LEU A 71 7.24 5.81 -7.19
CA LEU A 71 7.43 6.07 -8.62
C LEU A 71 7.36 7.54 -8.90
N PHE A 72 6.30 8.19 -8.36
CA PHE A 72 6.13 9.64 -8.51
C PHE A 72 7.43 10.33 -8.04
N TYR A 73 7.91 9.95 -6.86
CA TYR A 73 9.11 10.58 -6.29
C TYR A 73 10.38 10.41 -7.15
N LEU A 74 10.50 9.21 -7.73
CA LEU A 74 11.66 8.91 -8.60
C LEU A 74 11.68 9.91 -9.77
N PHE A 75 10.55 10.03 -10.48
CA PHE A 75 10.50 10.97 -11.61
C PHE A 75 10.73 12.44 -11.19
N GLN A 76 10.08 12.82 -10.09
CA GLN A 76 10.23 14.19 -9.54
C GLN A 76 11.74 14.48 -9.30
N LYS A 77 12.42 13.55 -8.64
CA LYS A 77 13.81 13.78 -8.28
CA LYS A 77 13.84 13.70 -8.29
C LYS A 77 14.71 13.86 -9.53
N ARG A 78 14.27 13.30 -10.65
CA ARG A 78 15.05 13.37 -11.89
C ARG A 78 14.61 14.51 -12.80
N GLY A 79 13.89 15.46 -12.22
CA GLY A 79 13.52 16.69 -12.93
C GLY A 79 12.32 16.65 -13.84
N PHE A 80 11.51 15.61 -13.77
CA PHE A 80 10.27 15.59 -14.55
C PHE A 80 9.17 16.45 -13.93
N THR A 81 8.27 16.95 -14.77
CA THR A 81 6.98 17.42 -14.31
C THR A 81 6.14 16.13 -14.09
N THR A 82 5.60 15.96 -12.90
CA THR A 82 5.08 14.66 -12.51
C THR A 82 3.64 14.77 -11.99
N LEU A 83 2.80 13.82 -12.38
CA LEU A 83 1.40 13.78 -11.91
C LEU A 83 1.04 12.36 -11.55
N ARG A 84 0.52 12.14 -10.35
CA ARG A 84 -0.19 10.91 -10.08
C ARG A 84 -1.63 11.35 -9.81
N PHE A 85 -2.59 10.45 -9.99
CA PHE A 85 -3.99 10.85 -9.76
C PHE A 85 -4.82 9.64 -9.50
N ASN A 86 -5.98 9.89 -8.87
CA ASN A 86 -6.91 8.79 -8.57
C ASN A 86 -7.85 8.56 -9.73
N PHE A 87 -7.97 7.31 -10.18
CA PHE A 87 -8.94 7.02 -11.26
C PHE A 87 -10.36 7.35 -10.77
N ARG A 88 -11.28 7.47 -11.72
CA ARG A 88 -12.71 7.71 -11.39
C ARG A 88 -13.19 6.74 -10.28
N SER A 89 -13.90 7.31 -9.29
CA SER A 89 -14.48 6.59 -8.14
C SER A 89 -13.55 6.47 -6.94
N ILE A 90 -12.25 6.65 -7.18
CA ILE A 90 -11.24 6.49 -6.12
C ILE A 90 -11.00 7.82 -5.39
N GLY A 91 -11.01 7.79 -4.07
CA GLY A 91 -10.81 9.04 -3.30
C GLY A 91 -11.91 10.06 -3.60
N ARG A 92 -11.49 11.28 -3.94
CA ARG A 92 -12.41 12.36 -4.35
C ARG A 92 -12.72 12.37 -5.85
N SER A 93 -12.15 11.41 -6.59
CA SER A 93 -12.46 11.35 -8.03
C SER A 93 -13.88 10.87 -8.23
N GLN A 94 -14.67 11.63 -8.98
CA GLN A 94 -16.06 11.32 -9.22
C GLN A 94 -16.22 10.17 -10.19
N GLY A 95 -17.45 9.66 -10.31
CA GLY A 95 -17.74 8.61 -11.25
C GLY A 95 -17.65 7.21 -10.67
N GLU A 96 -17.86 6.24 -11.55
CA GLU A 96 -17.93 4.82 -11.24
CA GLU A 96 -17.90 4.84 -11.20
C GLU A 96 -16.78 4.09 -11.91
N PHE A 97 -16.10 3.23 -11.16
CA PHE A 97 -15.04 2.43 -11.79
C PHE A 97 -15.60 1.53 -12.88
N ASP A 98 -14.89 1.40 -14.02
CA ASP A 98 -15.33 0.48 -15.04
C ASP A 98 -14.18 -0.45 -15.45
N HIS A 99 -14.41 -1.31 -16.41
CA HIS A 99 -13.46 -2.38 -16.67
C HIS A 99 -12.12 -1.86 -17.17
N GLY A 100 -12.05 -0.63 -17.68
CA GLY A 100 -10.80 -0.12 -18.20
C GLY A 100 -10.98 1.06 -19.14
N ALA A 101 -12.02 1.04 -20.01
CA ALA A 101 -12.20 2.17 -20.97
C ALA A 101 -12.24 3.54 -20.28
N GLY A 102 -13.02 3.66 -19.18
CA GLY A 102 -13.12 4.95 -18.46
C GLY A 102 -11.77 5.36 -17.88
N GLU A 103 -11.04 4.39 -17.33
CA GLU A 103 -9.78 4.72 -16.67
C GLU A 103 -8.74 5.14 -17.71
N LEU A 104 -8.77 4.53 -18.90
CA LEU A 104 -7.91 4.98 -20.00
C LEU A 104 -8.26 6.44 -20.37
N SER A 105 -9.56 6.74 -20.48
CA SER A 105 -10.02 8.12 -20.73
CA SER A 105 -9.99 8.12 -20.75
C SER A 105 -9.55 9.08 -19.64
N ASP A 106 -9.58 8.64 -18.37
CA ASP A 106 -9.08 9.47 -17.26
C ASP A 106 -7.59 9.78 -17.45
N ALA A 107 -6.84 8.73 -17.79
CA ALA A 107 -5.38 8.87 -18.00
C ALA A 107 -5.09 9.83 -19.17
N ALA A 108 -5.85 9.73 -20.26
CA ALA A 108 -5.66 10.66 -21.37
C ALA A 108 -6.01 12.07 -20.96
N SER A 109 -7.09 12.23 -20.16
CA SER A 109 -7.43 13.56 -19.64
C SER A 109 -6.35 14.16 -18.77
N ALA A 110 -5.77 13.31 -17.93
CA ALA A 110 -4.73 13.75 -16.99
C ALA A 110 -3.50 14.24 -17.79
N LEU A 111 -3.08 13.44 -18.76
CA LEU A 111 -1.94 13.83 -19.61
C LEU A 111 -2.23 15.13 -20.40
N ASP A 112 -3.45 15.22 -20.93
CA ASP A 112 -3.88 16.45 -21.64
C ASP A 112 -3.75 17.66 -20.71
N TRP A 113 -4.20 17.47 -19.47
CA TRP A 113 -4.16 18.55 -18.46
C TRP A 113 -2.73 19.00 -18.17
N VAL A 114 -1.81 18.07 -17.87
CA VAL A 114 -0.43 18.47 -17.57
C VAL A 114 0.18 19.14 -18.80
N GLN A 115 -0.11 18.57 -19.97
CA GLN A 115 0.43 19.12 -21.22
C GLN A 115 -0.08 20.55 -21.48
N SER A 116 -1.31 20.82 -21.05
CA SER A 116 -1.91 22.13 -21.21
C SER A 116 -1.10 23.14 -20.38
N LEU A 117 -0.53 22.69 -19.27
CA LEU A 117 0.20 23.54 -18.35
C LEU A 117 1.68 23.63 -18.72
N HIS A 118 2.13 22.66 -19.52
CA HIS A 118 3.52 22.54 -19.94
C HIS A 118 3.59 22.25 -21.44
N PRO A 119 3.17 23.24 -22.28
CA PRO A 119 3.02 23.04 -23.73
C PRO A 119 4.34 22.81 -24.44
N ASP A 120 5.47 23.12 -23.82
CA ASP A 120 6.72 22.86 -24.50
C ASP A 120 7.47 21.61 -24.03
N SER A 121 6.82 20.82 -23.17
CA SER A 121 7.39 19.53 -22.88
C SER A 121 7.15 18.69 -24.14
N LYS A 122 8.20 18.13 -24.72
CA LYS A 122 8.06 17.34 -25.95
C LYS A 122 8.02 15.82 -25.74
N SER A 123 8.32 15.38 -24.52
CA SER A 123 8.27 13.95 -24.29
C SER A 123 7.71 13.60 -22.93
N CYS A 124 7.27 12.35 -22.84
CA CYS A 124 6.53 11.88 -21.69
CA CYS A 124 6.57 11.89 -21.66
C CYS A 124 6.96 10.45 -21.37
N TRP A 125 6.85 10.09 -20.10
CA TRP A 125 6.96 8.70 -19.65
C TRP A 125 5.66 8.34 -18.94
N VAL A 126 5.30 7.05 -18.98
CA VAL A 126 4.16 6.59 -18.17
C VAL A 126 4.72 5.46 -17.29
N ALA A 127 4.34 5.42 -16.00
CA ALA A 127 4.73 4.34 -15.09
C ALA A 127 3.44 3.86 -14.47
N GLY A 128 3.16 2.60 -14.61
CA GLY A 128 1.92 2.11 -14.04
C GLY A 128 2.13 0.81 -13.27
N TYR A 129 1.33 0.63 -12.22
CA TYR A 129 1.47 -0.55 -11.36
C TYR A 129 0.20 -1.41 -11.40
N SER A 130 0.39 -2.68 -11.78
CA SER A 130 -0.71 -3.67 -11.82
C SER A 130 -1.74 -3.23 -12.90
N PHE A 131 -3.02 -3.07 -12.52
CA PHE A 131 -4.01 -2.51 -13.51
C PHE A 131 -3.48 -1.21 -14.17
N GLY A 132 -2.80 -0.37 -13.38
CA GLY A 132 -2.25 0.90 -13.92
C GLY A 132 -1.23 0.67 -15.05
N ALA A 133 -0.52 -0.48 -15.00
CA ALA A 133 0.42 -0.83 -16.09
C ALA A 133 -0.35 -1.13 -17.37
N TRP A 134 -1.51 -1.77 -17.24
CA TRP A 134 -2.35 -2.05 -18.44
C TRP A 134 -2.92 -0.76 -19.06
N ILE A 135 -3.46 0.12 -18.21
CA ILE A 135 -3.91 1.43 -18.67
C ILE A 135 -2.71 2.21 -19.26
N GLY A 136 -1.55 2.17 -18.57
CA GLY A 136 -0.40 2.94 -19.06
C GLY A 136 0.04 2.49 -20.46
N MSE A 137 0.06 1.19 -20.68
CA MSE A 137 0.52 0.71 -22.00
CA MSE A 137 0.46 0.62 -21.98
C MSE A 137 -0.52 1.01 -23.06
O MSE A 137 -0.16 1.23 -24.20
CB MSE A 137 0.92 -0.78 -21.95
CB MSE A 137 0.53 -0.92 -21.93
CG MSE A 137 2.06 -1.04 -20.90
CG MSE A 137 1.68 -1.46 -21.11
SE MSE A 137 3.06 -2.71 -21.16
SE MSE A 137 3.37 -0.60 -21.56
CE MSE A 137 4.32 -2.22 -22.59
CE MSE A 137 3.90 -1.60 -23.14
N GLN A 138 -1.81 1.10 -22.68
CA GLN A 138 -2.81 1.51 -23.66
C GLN A 138 -2.60 2.99 -24.03
N LEU A 139 -2.25 3.79 -23.03
CA LEU A 139 -2.03 5.23 -23.29
C LEU A 139 -0.82 5.36 -24.19
N LEU A 140 0.23 4.63 -23.87
CA LEU A 140 1.46 4.60 -24.69
C LEU A 140 1.10 4.37 -26.16
N MSE A 141 0.23 3.39 -26.43
CA MSE A 141 -0.13 3.03 -27.81
C MSE A 141 -0.77 4.21 -28.53
O MSE A 141 -0.58 4.38 -29.75
CB MSE A 141 -1.08 1.82 -27.88
CG MSE A 141 -0.43 0.51 -27.94
SE MSE A 141 0.77 0.31 -29.41
CE MSE A 141 -0.20 0.06 -31.09
N ARG A 142 -1.50 5.03 -27.78
CA ARG A 142 -2.27 6.18 -28.33
C ARG A 142 -1.52 7.51 -28.41
N ARG A 143 -0.40 7.62 -27.70
CA ARG A 143 0.28 8.90 -27.53
C ARG A 143 1.74 8.81 -27.92
N PRO A 144 2.07 9.16 -29.19
CA PRO A 144 3.45 9.11 -29.73
C PRO A 144 4.52 9.86 -28.92
N GLU A 145 4.11 10.84 -28.09
CA GLU A 145 5.08 11.61 -27.31
C GLU A 145 5.61 10.78 -26.13
N ILE A 146 4.96 9.66 -25.87
CA ILE A 146 5.38 8.83 -24.74
C ILE A 146 6.54 7.97 -25.21
N GLU A 147 7.73 8.33 -24.77
CA GLU A 147 8.95 7.67 -25.30
CA GLU A 147 8.95 7.71 -25.29
C GLU A 147 9.55 6.63 -24.36
N GLY A 148 8.97 6.49 -23.17
CA GLY A 148 9.46 5.47 -22.23
C GLY A 148 8.32 5.06 -21.34
N PHE A 149 8.39 3.82 -20.82
CA PHE A 149 7.40 3.40 -19.84
C PHE A 149 8.05 2.49 -18.78
N MSE A 150 7.36 2.39 -17.63
CA MSE A 150 7.62 1.34 -16.67
C MSE A 150 6.30 0.64 -16.40
O MSE A 150 5.31 1.32 -16.16
CB MSE A 150 8.14 1.92 -15.34
CG MSE A 150 9.41 2.72 -15.51
SE MSE A 150 9.95 3.40 -13.80
CE MSE A 150 11.54 4.30 -14.41
N SER A 151 6.32 -0.70 -16.45
CA SER A 151 5.14 -1.50 -16.17
C SER A 151 5.51 -2.42 -15.02
N ILE A 152 4.96 -2.12 -13.84
CA ILE A 152 5.27 -2.87 -12.63
C ILE A 152 4.14 -3.90 -12.41
N ALA A 153 4.49 -5.19 -12.36
CA ALA A 153 3.49 -6.26 -12.15
C ALA A 153 2.31 -6.24 -13.13
N PRO A 154 2.59 -6.25 -14.44
CA PRO A 154 1.44 -6.31 -15.37
C PRO A 154 0.76 -7.69 -15.26
N GLN A 155 -0.53 -7.77 -15.66
CA GLN A 155 -1.35 -8.98 -15.42
C GLN A 155 -1.88 -9.47 -16.80
N PRO A 156 -0.99 -10.06 -17.62
CA PRO A 156 -1.45 -10.39 -18.99
C PRO A 156 -2.41 -11.58 -19.12
N ASN A 157 -2.64 -12.32 -18.03
CA ASN A 157 -3.64 -13.38 -17.89
CA ASN A 157 -3.75 -13.28 -18.17
C ASN A 157 -5.01 -12.84 -17.43
N THR A 158 -5.02 -11.58 -17.00
CA THR A 158 -6.25 -10.95 -16.49
C THR A 158 -6.78 -9.91 -17.48
N TYR A 159 -5.87 -9.11 -18.05
CA TYR A 159 -6.18 -8.06 -18.99
C TYR A 159 -5.48 -8.34 -20.30
N ASP A 160 -6.11 -7.89 -21.38
CA ASP A 160 -5.66 -8.20 -22.72
C ASP A 160 -4.61 -7.18 -23.20
N PHE A 161 -3.37 -7.64 -23.40
CA PHE A 161 -2.31 -6.79 -23.91
C PHE A 161 -2.05 -6.93 -25.41
N SER A 162 -2.97 -7.55 -26.14
CA SER A 162 -2.63 -7.80 -27.54
C SER A 162 -2.66 -6.52 -28.36
N PHE A 163 -3.21 -5.43 -27.81
CA PHE A 163 -3.18 -4.13 -28.50
C PHE A 163 -1.73 -3.63 -28.76
N LEU A 164 -0.73 -4.13 -28.00
CA LEU A 164 0.68 -3.74 -28.19
C LEU A 164 1.29 -4.40 -29.43
N ALA A 165 1.03 -3.82 -30.56
CA ALA A 165 1.45 -4.46 -31.76
C ALA A 165 1.61 -3.35 -32.82
N PRO A 166 2.84 -2.87 -33.01
CA PRO A 166 3.86 -3.21 -32.02
C PRO A 166 3.89 -2.16 -30.93
N CYS A 167 4.45 -2.58 -29.81
CA CYS A 167 4.85 -1.64 -28.79
C CYS A 167 5.76 -0.55 -29.41
N PRO A 168 5.40 0.71 -29.23
CA PRO A 168 6.11 1.80 -29.93
C PRO A 168 7.42 2.33 -29.23
N SER A 169 7.61 1.94 -27.97
CA SER A 169 8.69 2.53 -27.17
C SER A 169 9.40 1.44 -26.36
N SER A 170 10.67 1.69 -26.03
CA SER A 170 11.43 0.89 -25.09
C SER A 170 10.90 1.17 -23.67
N GLY A 171 10.99 0.19 -22.78
CA GLY A 171 10.60 0.43 -21.40
C GLY A 171 11.00 -0.74 -20.55
N LEU A 172 10.57 -0.64 -19.28
CA LEU A 172 10.90 -1.60 -18.22
C LEU A 172 9.63 -2.36 -17.84
N ILE A 173 9.77 -3.68 -17.77
CA ILE A 173 8.73 -4.56 -17.17
C ILE A 173 9.39 -5.23 -16.00
N ILE A 174 8.75 -5.11 -14.83
CA ILE A 174 9.36 -5.67 -13.63
C ILE A 174 8.27 -6.40 -12.85
N ASN A 175 8.59 -7.61 -12.43
CA ASN A 175 7.62 -8.48 -11.75
C ASN A 175 8.36 -9.38 -10.78
N GLY A 176 7.62 -9.99 -9.87
CA GLY A 176 8.24 -10.87 -8.88
C GLY A 176 8.00 -12.35 -9.10
N ASP A 177 8.95 -13.16 -8.69
CA ASP A 177 8.79 -14.59 -8.94
C ASP A 177 7.88 -15.29 -7.93
N ALA A 178 7.34 -14.55 -6.96
CA ALA A 178 6.40 -15.12 -5.96
C ALA A 178 4.99 -14.57 -6.17
N ASP A 179 4.81 -13.93 -7.33
CA ASP A 179 3.55 -13.28 -7.68
C ASP A 179 2.52 -14.34 -8.09
N LYS A 180 1.48 -14.51 -7.28
CA LYS A 180 0.41 -15.45 -7.60
C LYS A 180 -0.76 -14.83 -8.38
N VAL A 181 -0.80 -13.51 -8.38
CA VAL A 181 -1.81 -12.74 -9.12
C VAL A 181 -1.50 -12.75 -10.63
N ALA A 182 -0.24 -12.46 -10.99
CA ALA A 182 0.25 -12.42 -12.38
C ALA A 182 1.57 -13.21 -12.43
N PRO A 183 1.47 -14.55 -12.51
CA PRO A 183 2.67 -15.41 -12.46
C PRO A 183 3.72 -15.17 -13.52
N GLU A 184 4.90 -15.70 -13.25
CA GLU A 184 6.05 -15.53 -14.16
C GLU A 184 5.75 -16.01 -15.56
N LYS A 185 5.12 -17.18 -15.67
CA LYS A 185 4.86 -17.72 -17.00
CA LYS A 185 4.75 -17.78 -16.96
C LYS A 185 4.08 -16.73 -17.83
N ASP A 186 3.10 -16.06 -17.22
CA ASP A 186 2.28 -15.11 -17.95
C ASP A 186 3.04 -13.84 -18.34
N VAL A 187 3.76 -13.26 -17.38
CA VAL A 187 4.56 -12.07 -17.70
C VAL A 187 5.63 -12.41 -18.77
N ASN A 188 6.26 -13.58 -18.63
CA ASN A 188 7.30 -14.01 -19.58
C ASN A 188 6.75 -14.12 -21.01
N GLY A 189 5.54 -14.64 -21.15
CA GLY A 189 4.88 -14.75 -22.48
C GLY A 189 4.63 -13.38 -23.11
N LEU A 190 4.17 -12.41 -22.30
CA LEU A 190 3.97 -11.04 -22.80
C LEU A 190 5.34 -10.50 -23.24
N VAL A 191 6.35 -10.67 -22.37
CA VAL A 191 7.66 -10.08 -22.69
C VAL A 191 8.21 -10.73 -23.97
N GLU A 192 8.07 -12.05 -24.08
CA GLU A 192 8.59 -12.76 -25.27
C GLU A 192 7.95 -12.22 -26.56
N LYS A 193 6.65 -11.89 -26.48
CA LYS A 193 5.91 -11.42 -27.64
C LYS A 193 6.48 -10.04 -27.98
N LEU A 194 6.62 -9.19 -26.97
CA LEU A 194 7.17 -7.83 -27.18
C LEU A 194 8.56 -7.84 -27.76
N LYS A 195 9.40 -8.77 -27.30
CA LYS A 195 10.81 -8.85 -27.71
C LYS A 195 10.97 -9.25 -29.18
N THR A 196 9.89 -9.65 -29.84
CA THR A 196 9.91 -9.92 -31.31
C THR A 196 9.88 -8.61 -32.15
N GLN A 197 9.69 -7.48 -31.48
CA GLN A 197 9.49 -6.22 -32.16
C GLN A 197 10.83 -5.47 -32.32
N LYS A 198 11.31 -5.36 -33.57
CA LYS A 198 12.58 -4.69 -33.83
CA LYS A 198 12.57 -4.68 -33.88
C LYS A 198 12.44 -3.20 -33.52
N GLY A 199 13.52 -2.59 -33.07
CA GLY A 199 13.46 -1.13 -32.84
C GLY A 199 13.10 -0.64 -31.45
N ILE A 200 12.70 -1.56 -30.57
CA ILE A 200 12.57 -1.25 -29.14
C ILE A 200 13.40 -2.25 -28.36
N LEU A 201 13.77 -1.85 -27.15
CA LEU A 201 14.33 -2.78 -26.18
C LEU A 201 13.39 -2.85 -24.97
N ILE A 202 12.97 -4.07 -24.67
CA ILE A 202 12.22 -4.39 -23.46
C ILE A 202 13.22 -4.84 -22.39
N THR A 203 13.32 -4.06 -21.33
CA THR A 203 14.16 -4.46 -20.19
C THR A 203 13.24 -5.14 -19.20
N HIS A 204 13.49 -6.41 -18.96
CA HIS A 204 12.60 -7.24 -18.16
C HIS A 204 13.36 -7.77 -16.95
N ARG A 205 12.99 -7.28 -15.77
CA ARG A 205 13.61 -7.71 -14.53
CA ARG A 205 13.60 -7.72 -14.53
C ARG A 205 12.59 -8.51 -13.73
N THR A 206 13.02 -9.68 -13.25
CA THR A 206 12.23 -10.52 -12.35
C THR A 206 12.89 -10.50 -10.96
N LEU A 207 12.14 -10.09 -9.94
CA LEU A 207 12.74 -10.02 -8.56
C LEU A 207 12.44 -11.23 -7.75
N PRO A 208 13.47 -11.91 -7.23
CA PRO A 208 13.26 -13.10 -6.39
CA PRO A 208 13.23 -13.09 -6.40
C PRO A 208 12.50 -12.73 -5.10
N GLY A 209 11.51 -13.55 -4.75
CA GLY A 209 10.81 -13.38 -3.48
C GLY A 209 9.76 -12.29 -3.45
N ALA A 210 9.56 -11.57 -4.57
CA ALA A 210 8.56 -10.51 -4.62
C ALA A 210 7.21 -11.09 -5.06
N ASN A 211 6.15 -10.78 -4.28
CA ASN A 211 4.80 -11.11 -4.69
C ASN A 211 4.19 -9.95 -5.53
N HIS A 212 2.88 -10.02 -5.80
CA HIS A 212 2.23 -8.94 -6.56
C HIS A 212 2.37 -7.54 -5.94
N PHE A 213 2.57 -7.52 -4.63
CA PHE A 213 2.62 -6.26 -3.84
C PHE A 213 4.07 -5.91 -3.49
N PHE A 214 5.02 -6.70 -4.00
CA PHE A 214 6.44 -6.51 -3.67
C PHE A 214 6.64 -6.40 -2.16
N ASN A 215 5.87 -7.17 -1.39
CA ASN A 215 5.99 -7.08 0.07
C ASN A 215 7.43 -7.40 0.48
N GLY A 216 8.04 -6.49 1.25
CA GLY A 216 9.42 -6.70 1.75
C GLY A 216 10.46 -6.51 0.67
N LYS A 217 10.01 -6.07 -0.51
CA LYS A 217 10.90 -5.90 -1.70
C LYS A 217 10.72 -4.56 -2.40
N VAL A 218 10.04 -3.61 -1.73
CA VAL A 218 9.84 -2.29 -2.35
C VAL A 218 11.18 -1.57 -2.62
N ASP A 219 12.13 -1.63 -1.65
CA ASP A 219 13.42 -0.97 -1.90
C ASP A 219 14.14 -1.57 -3.12
N GLU A 220 14.08 -2.90 -3.22
CA GLU A 220 14.69 -3.60 -4.34
CA GLU A 220 14.72 -3.56 -4.36
C GLU A 220 14.03 -3.13 -5.67
N LEU A 221 12.70 -3.18 -5.67
CA LEU A 221 11.93 -2.71 -6.83
C LEU A 221 12.32 -1.28 -7.24
N MSE A 222 12.34 -0.37 -6.27
CA MSE A 222 12.58 1.03 -6.60
C MSE A 222 14.02 1.25 -7.05
O MSE A 222 14.28 2.10 -7.89
CB MSE A 222 12.20 1.93 -5.42
CG MSE A 222 10.71 1.96 -5.15
SE MSE A 222 9.62 2.25 -6.76
CE MSE A 222 10.33 3.84 -7.29
N GLY A 223 14.97 0.50 -6.50
CA GLY A 223 16.34 0.64 -6.97
C GLY A 223 16.49 0.21 -8.42
N GLU A 224 15.74 -0.81 -8.82
CA GLU A 224 15.79 -1.24 -10.22
C GLU A 224 15.15 -0.18 -11.14
N CYS A 225 14.04 0.42 -10.69
CA CYS A 225 13.36 1.44 -11.48
C CYS A 225 14.27 2.68 -11.61
N GLU A 226 14.95 3.01 -10.50
CA GLU A 226 15.86 4.16 -10.52
C GLU A 226 17.05 3.92 -11.49
N ASP A 227 17.67 2.75 -11.42
CA ASP A 227 18.79 2.39 -12.27
CA ASP A 227 18.79 2.36 -12.27
C ASP A 227 18.35 2.45 -13.72
N TYR A 228 17.16 1.91 -13.99
CA TYR A 228 16.63 1.87 -15.37
C TYR A 228 16.47 3.30 -15.90
N LEU A 229 15.86 4.17 -15.11
CA LEU A 229 15.60 5.54 -15.58
C LEU A 229 16.92 6.31 -15.77
N ASP A 230 17.87 6.10 -14.85
CA ASP A 230 19.18 6.76 -14.98
C ASP A 230 19.89 6.31 -16.24
N ARG A 231 19.87 5.01 -16.52
CA ARG A 231 20.54 4.54 -17.74
C ARG A 231 19.82 5.09 -18.98
N ARG A 232 18.48 5.12 -18.96
CA ARG A 232 17.74 5.66 -20.11
C ARG A 232 18.05 7.15 -20.30
N LEU A 233 18.12 7.92 -19.21
CA LEU A 233 18.44 9.37 -19.33
C LEU A 233 19.87 9.59 -19.85
N ASN A 234 20.71 8.58 -19.71
CA ASN A 234 22.08 8.57 -20.26
C ASN A 234 22.13 8.10 -21.73
N GLY A 235 20.96 7.86 -22.32
CA GLY A 235 20.88 7.35 -23.68
C GLY A 235 21.17 5.85 -23.90
N GLU A 236 21.15 5.06 -22.81
CA GLU A 236 21.31 3.61 -22.92
C GLU A 236 19.96 2.92 -23.04
N LEU A 237 20.02 1.58 -23.25
CA LEU A 237 18.88 0.71 -23.17
C LEU A 237 17.78 1.02 -24.20
N VAL A 238 18.20 1.57 -25.32
CA VAL A 238 17.37 1.65 -26.49
C VAL A 238 18.25 1.25 -27.66
N PRO A 239 17.68 0.62 -28.67
CA PRO A 239 18.50 0.19 -29.81
C PRO A 239 18.97 1.35 -30.65
N GLU A 240 19.91 1.09 -31.55
CA GLU A 240 20.33 2.11 -32.49
C GLU A 240 19.21 2.33 -33.49
N PRO A 241 18.87 3.61 -33.74
CA PRO A 241 17.80 3.82 -34.71
C PRO A 241 18.41 4.02 -36.09
N MSE B 23 0.67 -22.86 3.89
CA MSE B 23 1.01 -21.60 4.65
C MSE B 23 2.20 -20.86 4.00
O MSE B 23 3.01 -21.48 3.28
CB MSE B 23 1.22 -21.90 6.14
CG MSE B 23 -0.08 -22.26 6.84
SE MSE B 23 0.19 -23.48 8.37
CE MSE B 23 -1.64 -23.58 9.12
N PRO B 24 2.29 -19.54 4.23
CA PRO B 24 1.51 -18.74 5.21
C PRO B 24 0.07 -18.44 4.82
N GLU B 25 -0.33 -18.80 3.60
CA GLU B 25 -1.72 -18.55 3.17
C GLU B 25 -2.65 -19.44 3.99
N VAL B 26 -3.64 -18.82 4.64
CA VAL B 26 -4.66 -19.53 5.44
C VAL B 26 -6.06 -18.97 5.12
N ILE B 27 -7.05 -19.84 5.31
CA ILE B 27 -8.46 -19.46 5.26
CA ILE B 27 -8.45 -19.44 5.25
C ILE B 27 -9.04 -19.96 6.56
N PHE B 28 -9.79 -19.10 7.24
CA PHE B 28 -10.49 -19.53 8.46
C PHE B 28 -11.89 -18.95 8.45
N ASN B 29 -12.73 -19.38 9.39
CA ASN B 29 -14.13 -18.98 9.37
C ASN B 29 -14.38 -17.78 10.22
N GLY B 30 -15.01 -16.78 9.63
CA GLY B 30 -15.55 -15.67 10.42
C GLY B 30 -17.06 -15.73 10.41
N PRO B 31 -17.70 -14.79 11.12
CA PRO B 31 -19.16 -14.71 11.15
C PRO B 31 -19.81 -14.50 9.78
N ALA B 32 -19.09 -13.91 8.82
CA ALA B 32 -19.69 -13.57 7.54
C ALA B 32 -19.27 -14.54 6.46
N GLY B 33 -18.49 -15.54 6.86
CA GLY B 33 -17.98 -16.55 5.93
C GLY B 33 -16.48 -16.69 6.06
N ARG B 34 -15.85 -17.11 4.95
CA ARG B 34 -14.39 -17.30 4.86
CA ARG B 34 -14.41 -17.32 5.01
C ARG B 34 -13.65 -15.99 5.08
N LEU B 35 -12.57 -16.04 5.87
CA LEU B 35 -11.63 -14.94 6.01
C LEU B 35 -10.25 -15.44 5.55
N GLU B 36 -9.64 -14.64 4.67
CA GLU B 36 -8.35 -14.90 4.11
C GLU B 36 -7.25 -14.28 5.01
N GLY B 37 -6.19 -15.03 5.30
CA GLY B 37 -5.09 -14.52 6.15
C GLY B 37 -3.71 -14.96 5.72
N ARG B 38 -2.71 -14.39 6.40
CA ARG B 38 -1.31 -14.79 6.28
CA ARG B 38 -1.32 -14.78 6.27
C ARG B 38 -0.81 -14.98 7.69
N TYR B 39 -0.25 -16.16 7.94
CA TYR B 39 0.02 -16.66 9.27
C TYR B 39 1.44 -17.18 9.39
N GLN B 40 2.17 -16.71 10.39
CA GLN B 40 3.52 -17.23 10.69
C GLN B 40 3.63 -17.61 12.16
N PRO B 41 3.61 -18.92 12.46
CA PRO B 41 3.72 -19.28 13.87
C PRO B 41 5.14 -19.08 14.41
N SER B 42 5.22 -18.77 15.70
CA SER B 42 6.52 -18.66 16.34
C SER B 42 7.26 -19.99 16.45
N LYS B 43 8.58 -19.90 16.30
CA LYS B 43 9.50 -20.99 16.59
C LYS B 43 9.51 -21.37 18.08
N GLU B 44 8.91 -20.53 18.92
CA GLU B 44 9.05 -20.68 20.37
C GLU B 44 7.76 -21.13 21.05
N LYS B 45 7.90 -21.53 22.32
CA LYS B 45 6.78 -22.12 23.05
CA LYS B 45 6.85 -22.16 23.14
C LYS B 45 6.07 -21.13 23.96
N SER B 46 4.74 -21.10 23.84
CA SER B 46 3.94 -20.08 24.53
C SER B 46 4.23 -18.68 23.96
N ALA B 47 4.68 -18.60 22.71
CA ALA B 47 5.05 -17.28 22.14
C ALA B 47 3.82 -16.36 22.10
N PRO B 48 4.03 -15.05 22.31
CA PRO B 48 2.90 -14.14 22.25
C PRO B 48 2.35 -14.08 20.83
N ILE B 49 1.07 -13.75 20.72
CA ILE B 49 0.40 -13.59 19.43
C ILE B 49 0.32 -12.10 19.03
N ALA B 50 0.53 -11.83 17.75
CA ALA B 50 0.32 -10.48 17.25
C ALA B 50 -0.72 -10.55 16.13
N ILE B 51 -1.74 -9.70 16.19
CA ILE B 51 -2.77 -9.59 15.13
C ILE B 51 -2.62 -8.21 14.49
N ILE B 52 -2.59 -8.17 13.16
CA ILE B 52 -2.34 -6.91 12.42
C ILE B 52 -3.59 -6.59 11.58
N LEU B 53 -4.10 -5.35 11.73
CA LEU B 53 -5.40 -4.95 11.15
CA LEU B 53 -5.40 -4.95 11.16
C LEU B 53 -5.24 -3.82 10.14
N HIS B 54 -5.89 -3.95 8.98
CA HIS B 54 -5.64 -3.02 7.86
C HIS B 54 -6.63 -1.84 7.74
N PRO B 55 -6.34 -0.84 6.89
CA PRO B 55 -7.25 0.28 6.67
C PRO B 55 -8.57 -0.03 5.99
N HIS B 56 -9.43 0.99 5.98
CA HIS B 56 -10.71 0.89 5.26
C HIS B 56 -10.43 0.75 3.75
N PRO B 57 -11.29 0.01 3.03
CA PRO B 57 -11.09 -0.05 1.56
C PRO B 57 -11.14 1.30 0.82
N GLN B 58 -11.74 2.32 1.40
CA GLN B 58 -11.76 3.62 0.71
C GLN B 58 -10.34 4.20 0.59
N PHE B 59 -9.46 3.80 1.51
CA PHE B 59 -8.05 4.26 1.47
C PHE B 59 -7.16 3.15 0.97
N GLY B 60 -7.76 2.20 0.27
CA GLY B 60 -7.02 1.11 -0.35
C GLY B 60 -6.53 0.05 0.65
N GLY B 61 -7.23 -0.09 1.79
CA GLY B 61 -6.79 -1.04 2.83
C GLY B 61 -6.94 -2.51 2.40
N THR B 62 -5.84 -3.27 2.52
CA THR B 62 -5.84 -4.72 2.45
C THR B 62 -4.70 -5.23 3.38
N MSE B 63 -4.71 -6.52 3.66
CA MSE B 63 -3.64 -7.12 4.46
C MSE B 63 -2.27 -7.01 3.80
O MSE B 63 -1.26 -7.31 4.44
CB MSE B 63 -3.94 -8.58 4.74
CG MSE B 63 -3.79 -9.48 3.49
SE MSE B 63 -4.36 -11.25 3.87
CE MSE B 63 -3.97 -11.99 2.12
N ASN B 64 -2.23 -6.66 2.51
CA ASN B 64 -0.91 -6.52 1.89
C ASN B 64 -0.41 -5.11 1.66
N ASN B 65 -1.17 -4.12 2.16
CA ASN B 65 -0.68 -2.75 2.29
CA ASN B 65 -0.68 -2.74 2.40
C ASN B 65 0.74 -2.77 2.92
N GLN B 66 1.66 -1.93 2.42
CA GLN B 66 3.07 -2.04 2.87
CA GLN B 66 3.05 -2.09 2.88
C GLN B 66 3.22 -1.85 4.38
N ILE B 67 2.52 -0.88 4.92
CA ILE B 67 2.60 -0.63 6.38
C ILE B 67 2.08 -1.84 7.17
N VAL B 68 0.95 -2.41 6.71
CA VAL B 68 0.42 -3.62 7.33
C VAL B 68 1.43 -4.79 7.26
N TYR B 69 1.99 -5.02 6.08
CA TYR B 69 3.04 -6.03 5.88
C TYR B 69 4.25 -5.79 6.79
N GLN B 70 4.77 -4.56 6.80
CA GLN B 70 5.92 -4.24 7.66
C GLN B 70 5.62 -4.43 9.15
N LEU B 71 4.40 -4.10 9.60
CA LEU B 71 4.06 -4.37 10.99
C LEU B 71 4.09 -5.88 11.24
N PHE B 72 3.43 -6.63 10.34
CA PHE B 72 3.49 -8.09 10.42
C PHE B 72 4.94 -8.58 10.54
N TYR B 73 5.80 -8.12 9.63
CA TYR B 73 7.20 -8.56 9.62
C TYR B 73 7.95 -8.19 10.92
N LEU B 74 7.68 -7.00 11.48
CA LEU B 74 8.26 -6.60 12.77
C LEU B 74 7.96 -7.62 13.88
N PHE B 75 6.69 -7.95 14.05
CA PHE B 75 6.34 -8.90 15.10
C PHE B 75 6.92 -10.29 14.82
N GLN B 76 6.87 -10.69 13.56
CA GLN B 76 7.44 -11.96 13.10
CA GLN B 76 7.40 -12.00 13.22
C GLN B 76 8.89 -12.08 13.56
N LYS B 77 9.66 -11.06 13.19
CA LYS B 77 11.08 -11.05 13.50
C LYS B 77 11.37 -11.05 14.99
N ARG B 78 10.44 -10.55 15.82
CA ARG B 78 10.63 -10.53 17.28
C ARG B 78 10.06 -11.78 18.01
N GLY B 79 9.77 -12.83 17.24
CA GLY B 79 9.35 -14.13 17.79
C GLY B 79 7.87 -14.30 18.10
N PHE B 80 7.03 -13.38 17.64
CA PHE B 80 5.59 -13.50 17.84
C PHE B 80 4.98 -14.49 16.85
N THR B 81 3.97 -15.23 17.28
CA THR B 81 3.07 -15.91 16.34
C THR B 81 2.21 -14.79 15.75
N THR B 82 2.19 -14.67 14.43
CA THR B 82 1.67 -13.43 13.81
C THR B 82 0.65 -13.73 12.75
N LEU B 83 -0.45 -12.97 12.76
CA LEU B 83 -1.50 -13.12 11.74
C LEU B 83 -1.90 -11.75 11.23
N ARG B 84 -1.89 -11.53 9.91
CA ARG B 84 -2.64 -10.44 9.30
C ARG B 84 -3.73 -11.08 8.46
N PHE B 85 -4.83 -10.37 8.27
CA PHE B 85 -5.92 -10.94 7.45
C PHE B 85 -6.77 -9.84 6.82
N ASN B 86 -7.55 -10.21 5.80
CA ASN B 86 -8.43 -9.30 5.12
C ASN B 86 -9.77 -9.30 5.81
N PHE B 87 -10.26 -8.09 6.12
CA PHE B 87 -11.63 -7.97 6.67
C PHE B 87 -12.65 -8.52 5.67
N ARG B 88 -13.84 -8.90 6.16
CA ARG B 88 -14.97 -9.27 5.26
C ARG B 88 -15.05 -8.32 4.07
N SER B 89 -15.26 -8.93 2.88
CA SER B 89 -15.45 -8.25 1.56
C SER B 89 -14.12 -7.94 0.86
N ILE B 90 -13.00 -7.94 1.61
CA ILE B 90 -11.68 -7.59 1.05
C ILE B 90 -10.94 -8.86 0.51
N GLY B 91 -10.40 -8.78 -0.69
CA GLY B 91 -9.71 -9.93 -1.29
C GLY B 91 -10.66 -11.12 -1.43
N ARG B 92 -10.27 -12.26 -0.89
CA ARG B 92 -11.10 -13.45 -0.93
C ARG B 92 -11.98 -13.59 0.32
N SER B 93 -11.88 -12.66 1.26
CA SER B 93 -12.78 -12.73 2.41
C SER B 93 -14.21 -12.45 1.96
N GLN B 94 -15.14 -13.30 2.39
CA GLN B 94 -16.54 -13.19 2.02
C GLN B 94 -17.25 -12.13 2.82
N GLY B 95 -18.48 -11.83 2.40
CA GLY B 95 -19.32 -10.89 3.11
C GLY B 95 -19.23 -9.48 2.59
N GLU B 96 -19.96 -8.59 3.28
CA GLU B 96 -20.08 -7.18 2.94
CA GLU B 96 -19.99 -7.19 2.91
C GLU B 96 -19.40 -6.35 4.01
N PHE B 97 -18.67 -5.33 3.59
CA PHE B 97 -18.07 -4.45 4.59
C PHE B 97 -19.18 -3.70 5.33
N ASP B 98 -18.98 -3.45 6.61
CA ASP B 98 -19.92 -2.64 7.35
C ASP B 98 -19.19 -1.61 8.20
N HIS B 99 -19.93 -0.78 8.91
CA HIS B 99 -19.34 0.40 9.50
C HIS B 99 -18.26 0.04 10.51
N GLY B 100 -18.30 -1.15 11.10
CA GLY B 100 -17.23 -1.52 12.04
C GLY B 100 -17.56 -2.74 12.87
N ALA B 101 -18.84 -2.90 13.27
CA ALA B 101 -19.18 -4.06 14.10
C ALA B 101 -18.74 -5.40 13.48
N GLY B 102 -19.00 -5.57 12.19
CA GLY B 102 -18.59 -6.83 11.54
C GLY B 102 -17.08 -7.03 11.55
N GLU B 103 -16.34 -5.95 11.34
CA GLU B 103 -14.89 -6.08 11.25
C GLU B 103 -14.30 -6.37 12.60
N LEU B 104 -14.93 -5.82 13.67
CA LEU B 104 -14.53 -6.20 15.01
C LEU B 104 -14.79 -7.70 15.25
N SER B 105 -15.93 -8.21 14.79
CA SER B 105 -16.23 -9.65 14.91
C SER B 105 -15.21 -10.48 14.15
N ASP B 106 -14.83 -10.02 12.95
CA ASP B 106 -13.78 -10.68 12.17
C ASP B 106 -12.47 -10.78 12.96
N ALA B 107 -12.05 -9.66 13.56
CA ALA B 107 -10.80 -9.63 14.33
C ALA B 107 -10.85 -10.57 15.56
N ALA B 108 -11.99 -10.60 16.25
CA ALA B 108 -12.18 -11.53 17.35
C ALA B 108 -12.09 -12.99 16.90
N SER B 109 -12.70 -13.30 15.74
CA SER B 109 -12.64 -14.64 15.15
C SER B 109 -11.22 -15.00 14.77
N ALA B 110 -10.52 -14.02 14.22
CA ALA B 110 -9.11 -14.21 13.87
C ALA B 110 -8.25 -14.53 15.07
N LEU B 111 -8.41 -13.74 16.14
CA LEU B 111 -7.68 -13.98 17.38
C LEU B 111 -8.04 -15.34 18.01
N ASP B 112 -9.32 -15.69 17.98
CA ASP B 112 -9.76 -17.03 18.49
C ASP B 112 -9.09 -18.16 17.70
N TRP B 113 -9.06 -18.00 16.38
CA TRP B 113 -8.45 -19.01 15.51
C TRP B 113 -6.97 -19.23 15.84
N VAL B 114 -6.18 -18.15 15.94
CA VAL B 114 -4.75 -18.28 16.26
C VAL B 114 -4.60 -18.89 17.66
N GLN B 115 -5.42 -18.43 18.59
CA GLN B 115 -5.37 -18.98 19.94
C GLN B 115 -5.77 -20.47 20.02
N SER B 116 -6.67 -20.91 19.16
CA SER B 116 -7.03 -22.35 19.08
C SER B 116 -5.80 -23.18 18.66
N LEU B 117 -4.95 -22.62 17.81
CA LEU B 117 -3.72 -23.29 17.35
C LEU B 117 -2.57 -23.14 18.33
N HIS B 118 -2.65 -22.11 19.18
CA HIS B 118 -1.61 -21.81 20.17
C HIS B 118 -2.23 -21.62 21.54
N PRO B 119 -2.80 -22.71 22.10
CA PRO B 119 -3.57 -22.63 23.36
C PRO B 119 -2.73 -22.23 24.57
N ASP B 120 -1.40 -22.31 24.43
CA ASP B 120 -0.53 -21.98 25.56
CA ASP B 120 -0.43 -22.02 25.49
C ASP B 120 0.04 -20.56 25.51
N SER B 121 -0.34 -19.80 24.48
CA SER B 121 0.05 -18.39 24.41
C SER B 121 -0.84 -17.63 25.39
N LYS B 122 -0.21 -16.91 26.32
CA LYS B 122 -0.95 -16.19 27.36
C LYS B 122 -1.01 -14.68 27.09
N SER B 123 -0.36 -14.20 26.03
CA SER B 123 -0.41 -12.76 25.73
C SER B 123 -0.45 -12.43 24.26
N CYS B 124 -0.93 -11.22 24.02
CA CYS B 124 -1.22 -10.83 22.66
C CYS B 124 -0.94 -9.33 22.49
N TRP B 125 -0.52 -8.97 21.28
CA TRP B 125 -0.49 -7.56 20.86
C TRP B 125 -1.39 -7.37 19.66
N VAL B 126 -1.94 -6.18 19.53
CA VAL B 126 -2.69 -5.83 18.32
C VAL B 126 -2.02 -4.61 17.71
N ALA B 127 -1.87 -4.61 16.39
CA ALA B 127 -1.33 -3.44 15.71
C ALA B 127 -2.29 -3.13 14.59
N GLY B 128 -2.77 -1.89 14.51
CA GLY B 128 -3.76 -1.51 13.49
C GLY B 128 -3.40 -0.21 12.81
N TYR B 129 -3.74 -0.06 11.53
CA TYR B 129 -3.44 1.15 10.78
C TYR B 129 -4.74 1.77 10.28
N SER B 130 -4.95 3.05 10.64
CA SER B 130 -6.10 3.79 10.23
C SER B 130 -7.40 3.16 10.80
N PHE B 131 -8.38 2.82 9.95
CA PHE B 131 -9.57 2.11 10.43
C PHE B 131 -9.17 0.87 11.28
N GLY B 132 -8.11 0.16 10.86
CA GLY B 132 -7.59 -0.97 11.60
C GLY B 132 -7.20 -0.64 13.05
N ALA B 133 -6.74 0.60 13.30
CA ALA B 133 -6.35 0.98 14.67
C ALA B 133 -7.64 1.12 15.51
N TRP B 134 -8.71 1.61 14.89
CA TRP B 134 -9.98 1.71 15.64
C TRP B 134 -10.53 0.32 15.99
N ILE B 135 -10.60 -0.57 14.99
CA ILE B 135 -10.95 -1.96 15.31
C ILE B 135 -9.98 -2.58 16.35
N GLY B 136 -8.67 -2.31 16.20
CA GLY B 136 -7.71 -2.87 17.13
C GLY B 136 -7.93 -2.44 18.57
N MSE B 137 -8.23 -1.17 18.75
CA MSE B 137 -8.42 -0.68 20.12
CA MSE B 137 -8.48 -0.61 20.10
C MSE B 137 -9.74 -1.21 20.71
O MSE B 137 -9.84 -1.40 21.94
CB MSE B 137 -8.24 0.84 20.23
CB MSE B 137 -8.57 0.92 20.06
CG MSE B 137 -6.82 1.28 19.84
CG MSE B 137 -7.28 1.62 19.70
SE MSE B 137 -6.34 3.08 20.33
SE MSE B 137 -5.80 0.97 20.77
CE MSE B 137 -5.84 2.73 22.20
CE MSE B 137 -5.99 2.16 22.31
N GLN B 138 -10.74 -1.47 19.86
CA GLN B 138 -11.97 -2.08 20.33
C GLN B 138 -11.66 -3.53 20.75
N LEU B 139 -10.81 -4.22 19.99
CA LEU B 139 -10.49 -5.61 20.36
C LEU B 139 -9.71 -5.63 21.70
N LEU B 140 -8.78 -4.69 21.84
CA LEU B 140 -8.02 -4.49 23.07
C LEU B 140 -8.94 -4.34 24.27
N MSE B 141 -9.95 -3.50 24.13
CA MSE B 141 -10.91 -3.25 25.21
C MSE B 141 -11.63 -4.55 25.64
O MSE B 141 -11.88 -4.74 26.83
CB MSE B 141 -11.90 -2.16 24.76
CG MSE B 141 -12.64 -1.46 25.88
SE MSE B 141 -11.43 -0.49 27.10
CE MSE B 141 -12.79 -0.45 28.51
N ARG B 142 -11.90 -5.44 24.68
CA ARG B 142 -12.67 -6.68 24.94
CA ARG B 142 -12.67 -6.68 24.94
C ARG B 142 -11.85 -7.88 25.42
N ARG B 143 -10.53 -7.84 25.20
CA ARG B 143 -9.73 -9.02 25.36
C ARG B 143 -8.60 -8.78 26.35
N PRO B 144 -8.78 -9.28 27.62
CA PRO B 144 -7.81 -8.96 28.67
C PRO B 144 -6.39 -9.46 28.37
N GLU B 145 -6.25 -10.45 27.50
CA GLU B 145 -4.94 -11.00 27.21
C GLU B 145 -4.08 -10.04 26.35
N ILE B 146 -4.70 -8.99 25.84
CA ILE B 146 -4.00 -8.05 24.95
C ILE B 146 -3.23 -7.04 25.79
N GLU B 147 -1.91 -7.18 25.84
CA GLU B 147 -1.12 -6.38 26.79
CA GLU B 147 -1.05 -6.44 26.78
C GLU B 147 -0.37 -5.21 26.16
N GLY B 148 -0.49 -5.07 24.84
CA GLY B 148 0.16 -3.94 24.16
C GLY B 148 -0.56 -3.70 22.86
N PHE B 149 -0.45 -2.47 22.36
CA PHE B 149 -0.99 -2.16 21.05
C PHE B 149 -0.13 -1.14 20.34
N MSE B 150 -0.29 -1.10 19.02
CA MSE B 150 0.20 -0.01 18.20
C MSE B 150 -0.98 0.48 17.39
O MSE B 150 -1.71 -0.36 16.78
CB MSE B 150 1.28 -0.53 17.25
CG MSE B 150 2.51 -0.99 17.96
SE MSE B 150 3.80 -1.53 16.58
CE MSE B 150 5.14 -2.17 17.82
N SER B 151 -1.19 1.81 17.39
CA SER B 151 -2.28 2.42 16.60
C SER B 151 -1.63 3.44 15.71
N ILE B 152 -1.54 3.12 14.43
CA ILE B 152 -0.89 3.93 13.42
C ILE B 152 -2.00 4.76 12.73
N ALA B 153 -1.89 6.08 12.80
CA ALA B 153 -2.84 6.99 12.11
C ALA B 153 -4.30 6.76 12.53
N PRO B 154 -4.60 6.79 13.83
CA PRO B 154 -6.00 6.62 14.26
C PRO B 154 -6.84 7.86 13.84
N GLN B 155 -8.19 7.71 13.71
CA GLN B 155 -9.00 8.77 13.13
C GLN B 155 -10.11 9.09 14.12
N PRO B 156 -9.75 9.71 15.26
CA PRO B 156 -10.80 9.94 16.29
C PRO B 156 -11.82 11.07 15.95
N ASN B 157 -11.60 11.77 14.85
CA ASN B 157 -12.56 12.71 14.30
C ASN B 157 -13.62 12.01 13.42
N THR B 158 -13.31 10.78 12.97
CA THR B 158 -14.21 10.02 12.05
C THR B 158 -14.88 8.83 12.75
N TYR B 159 -14.14 8.19 13.65
CA TYR B 159 -14.63 7.02 14.38
C TYR B 159 -14.57 7.36 15.87
N ASP B 160 -15.50 6.78 16.61
CA ASP B 160 -15.68 7.06 18.03
C ASP B 160 -14.71 6.21 18.88
N PHE B 161 -13.76 6.86 19.54
CA PHE B 161 -12.84 6.12 20.46
C PHE B 161 -13.22 6.20 21.95
N SER B 162 -14.43 6.71 22.23
CA SER B 162 -14.73 7.06 23.59
C SER B 162 -15.02 5.78 24.41
N PHE B 163 -15.11 4.62 23.75
CA PHE B 163 -15.17 3.29 24.46
C PHE B 163 -13.90 3.01 25.31
N LEU B 164 -12.79 3.69 25.01
CA LEU B 164 -11.55 3.50 25.79
C LEU B 164 -11.65 4.19 27.14
N ALA B 165 -12.25 3.51 28.09
CA ALA B 165 -12.60 4.16 29.34
C ALA B 165 -12.62 3.16 30.52
N PRO B 166 -11.44 2.75 31.00
CA PRO B 166 -10.20 3.30 30.45
C PRO B 166 -9.54 2.31 29.48
N CYS B 167 -8.59 2.87 28.73
CA CYS B 167 -7.70 2.07 27.97
C CYS B 167 -6.96 1.14 28.96
N PRO B 168 -7.00 -0.17 28.70
CA PRO B 168 -6.47 -1.15 29.66
C PRO B 168 -4.94 -1.46 29.62
N SER B 169 -4.29 -0.97 28.57
CA SER B 169 -2.89 -1.34 28.33
C SER B 169 -2.10 -0.15 27.82
N SER B 170 -0.80 -0.23 28.03
CA SER B 170 0.14 0.71 27.46
C SER B 170 0.30 0.39 25.96
N GLY B 171 0.59 1.42 25.17
CA GLY B 171 0.85 1.18 23.75
C GLY B 171 1.34 2.44 23.07
N LEU B 172 1.50 2.32 21.75
CA LEU B 172 2.06 3.36 20.89
C LEU B 172 0.97 3.93 19.98
N ILE B 173 0.90 5.26 19.90
CA ILE B 173 0.04 5.93 18.92
C ILE B 173 1.02 6.74 18.10
N ILE B 174 0.95 6.58 16.77
CA ILE B 174 1.89 7.30 15.92
C ILE B 174 1.14 7.88 14.73
N ASN B 175 1.38 9.16 14.46
CA ASN B 175 0.62 9.89 13.42
C ASN B 175 1.53 10.94 12.82
N GLY B 176 1.18 11.40 11.64
CA GLY B 176 1.98 12.45 11.00
C GLY B 176 1.41 13.85 11.12
N ASP B 177 2.29 14.84 11.06
CA ASP B 177 1.82 16.23 11.23
C ASP B 177 1.35 16.83 9.91
N ALA B 178 1.40 16.05 8.83
CA ALA B 178 0.87 16.49 7.52
C ALA B 178 -0.39 15.69 7.12
N ASP B 179 -0.96 14.97 8.10
CA ASP B 179 -2.15 14.13 7.92
C ASP B 179 -3.40 15.03 7.80
N LYS B 180 -4.03 15.02 6.62
CA LYS B 180 -5.26 15.83 6.44
C LYS B 180 -6.53 15.01 6.66
N VAL B 181 -6.36 13.68 6.70
CA VAL B 181 -7.46 12.73 7.02
C VAL B 181 -7.83 12.79 8.51
N ALA B 182 -6.80 12.69 9.35
CA ALA B 182 -6.95 12.74 10.81
C ALA B 182 -5.90 13.73 11.34
N PRO B 183 -6.23 15.04 11.35
CA PRO B 183 -5.27 16.08 11.76
C PRO B 183 -4.69 15.91 13.16
N GLU B 184 -3.53 16.52 13.37
CA GLU B 184 -2.81 16.44 14.63
C GLU B 184 -3.69 16.85 15.76
N LYS B 185 -4.47 17.92 15.58
CA LYS B 185 -5.28 18.37 16.70
C LYS B 185 -6.21 17.25 17.20
N ASP B 186 -6.78 16.49 16.27
CA ASP B 186 -7.72 15.46 16.65
C ASP B 186 -6.98 14.31 17.32
N VAL B 187 -5.85 13.89 16.74
CA VAL B 187 -5.08 12.82 17.41
C VAL B 187 -4.61 13.26 18.80
N ASN B 188 -4.19 14.51 18.93
CA ASN B 188 -3.68 14.99 20.21
C ASN B 188 -4.75 14.96 21.29
N GLY B 189 -5.98 15.28 20.88
CA GLY B 189 -7.11 15.29 21.82
C GLY B 189 -7.40 13.89 22.35
N LEU B 190 -7.34 12.88 21.47
CA LEU B 190 -7.55 11.50 21.91
C LEU B 190 -6.39 11.10 22.88
N VAL B 191 -5.15 11.42 22.49
CA VAL B 191 -4.01 11.07 23.32
C VAL B 191 -4.10 11.76 24.69
N GLU B 192 -4.44 13.06 24.71
CA GLU B 192 -4.59 13.79 25.98
CA GLU B 192 -4.64 13.81 25.96
C GLU B 192 -5.64 13.12 26.88
N LYS B 193 -6.76 12.67 26.30
CA LYS B 193 -7.77 11.95 27.07
C LYS B 193 -7.19 10.66 27.68
N LEU B 194 -6.47 9.89 26.87
CA LEU B 194 -5.93 8.62 27.34
C LEU B 194 -4.87 8.85 28.41
N LYS B 195 -4.15 9.96 28.31
CA LYS B 195 -3.04 10.26 29.26
C LYS B 195 -3.56 10.61 30.66
N THR B 196 -4.86 10.83 30.79
CA THR B 196 -5.46 11.05 32.12
C THR B 196 -5.69 9.76 32.90
N GLN B 197 -5.49 8.62 32.25
CA GLN B 197 -5.81 7.33 32.81
C GLN B 197 -4.58 6.72 33.53
N LYS B 198 -4.63 6.52 34.85
CA LYS B 198 -3.42 6.07 35.57
C LYS B 198 -3.12 4.60 35.28
N GLY B 199 -1.85 4.21 35.36
CA GLY B 199 -1.52 2.82 35.27
C GLY B 199 -1.23 2.33 33.87
N ILE B 200 -1.33 3.23 32.91
CA ILE B 200 -0.82 2.93 31.57
C ILE B 200 0.11 4.08 31.14
N LEU B 201 0.98 3.79 30.16
CA LEU B 201 1.74 4.84 29.48
C LEU B 201 1.38 4.79 28.01
N ILE B 202 0.90 5.93 27.53
CA ILE B 202 0.67 6.15 26.09
C ILE B 202 1.93 6.79 25.51
N THR B 203 2.60 6.09 24.61
CA THR B 203 3.77 6.64 23.91
C THR B 203 3.22 7.21 22.62
N HIS B 204 3.32 8.52 22.45
CA HIS B 204 2.72 9.18 21.30
C HIS B 204 3.81 9.88 20.49
N ARG B 205 4.07 9.39 19.29
CA ARG B 205 5.04 10.04 18.43
C ARG B 205 4.32 10.70 17.25
N THR B 206 4.66 11.94 16.96
CA THR B 206 4.17 12.65 15.80
C THR B 206 5.34 12.77 14.82
N LEU B 207 5.16 12.22 13.60
CA LEU B 207 6.26 12.24 12.63
C LEU B 207 6.17 13.45 11.73
N PRO B 208 7.21 14.30 11.72
CA PRO B 208 7.22 15.45 10.81
C PRO B 208 7.11 15.06 9.35
N GLY B 209 6.22 15.72 8.64
CA GLY B 209 6.16 15.55 7.21
C GLY B 209 5.34 14.36 6.76
N ALA B 210 4.83 13.54 7.70
CA ALA B 210 4.07 12.34 7.30
C ALA B 210 2.57 12.68 7.09
N ASN B 211 1.99 12.21 5.98
CA ASN B 211 0.56 12.33 5.78
C ASN B 211 -0.13 11.09 6.32
N HIS B 212 -1.43 10.88 6.00
CA HIS B 212 -2.14 9.71 6.51
C HIS B 212 -1.55 8.40 6.01
N PHE B 213 -0.85 8.49 4.89
CA PHE B 213 -0.26 7.32 4.20
C PHE B 213 1.25 7.20 4.44
N PHE B 214 1.78 8.07 5.32
CA PHE B 214 3.23 8.10 5.60
C PHE B 214 4.01 8.09 4.28
N ASN B 215 3.51 8.80 3.27
CA ASN B 215 4.24 8.79 2.00
C ASN B 215 5.64 9.39 2.19
N GLY B 216 6.66 8.63 1.80
CA GLY B 216 8.05 9.06 1.92
C GLY B 216 8.55 8.96 3.36
N LYS B 217 7.71 8.39 4.24
CA LYS B 217 8.05 8.29 5.66
C LYS B 217 7.85 6.90 6.25
N VAL B 218 7.66 5.88 5.40
CA VAL B 218 7.43 4.53 5.94
C VAL B 218 8.64 4.01 6.72
N ASP B 219 9.87 4.23 6.22
CA ASP B 219 11.07 3.78 6.98
C ASP B 219 11.12 4.43 8.34
N GLU B 220 10.77 5.72 8.40
CA GLU B 220 10.82 6.46 9.66
C GLU B 220 9.77 5.87 10.62
N LEU B 221 8.55 5.71 10.08
CA LEU B 221 7.45 5.08 10.87
C LEU B 221 7.88 3.71 11.43
N MSE B 222 8.43 2.86 10.57
CA MSE B 222 8.71 1.48 10.99
C MSE B 222 9.87 1.44 12.00
O MSE B 222 9.88 0.59 12.90
CB MSE B 222 8.98 0.59 9.78
CG MSE B 222 7.73 0.35 8.90
SE MSE B 222 6.11 -0.11 9.98
CE MSE B 222 6.85 -1.54 10.86
N GLY B 223 10.84 2.35 11.87
CA GLY B 223 11.90 2.50 12.87
C GLY B 223 11.37 2.84 14.25
N GLU B 224 10.37 3.71 14.27
CA GLU B 224 9.75 4.10 15.56
C GLU B 224 8.97 2.93 16.13
N CYS B 225 8.21 2.21 15.27
CA CYS B 225 7.51 0.99 15.73
C CYS B 225 8.49 -0.08 16.28
N GLU B 226 9.59 -0.31 15.55
CA GLU B 226 10.62 -1.26 15.98
C GLU B 226 11.23 -0.88 17.36
N ASP B 227 11.62 0.39 17.49
CA ASP B 227 12.21 0.89 18.75
CA ASP B 227 12.20 0.90 18.72
C ASP B 227 11.22 0.73 19.88
N TYR B 228 9.95 1.02 19.61
CA TYR B 228 8.95 0.93 20.68
C TYR B 228 8.82 -0.55 21.15
N LEU B 229 8.71 -1.47 20.20
CA LEU B 229 8.51 -2.88 20.58
C LEU B 229 9.76 -3.40 21.31
N ASP B 230 10.94 -3.01 20.82
CA ASP B 230 12.18 -3.42 21.46
C ASP B 230 12.28 -2.91 22.89
N ARG B 231 11.92 -1.65 23.09
CA ARG B 231 11.91 -1.13 24.46
C ARG B 231 10.89 -1.85 25.33
N ARG B 232 9.68 -2.10 24.80
CA ARG B 232 8.65 -2.79 25.59
C ARG B 232 9.13 -4.20 25.91
N LEU B 233 9.74 -4.90 24.94
CA LEU B 233 10.24 -6.27 25.26
C LEU B 233 11.36 -6.27 26.30
N ASN B 234 11.99 -5.13 26.46
CA ASN B 234 13.05 -4.88 27.49
C ASN B 234 12.46 -4.50 28.84
N GLY B 235 11.13 -4.50 28.92
CA GLY B 235 10.38 -4.10 30.16
C GLY B 235 10.31 -2.58 30.40
N GLU B 236 10.57 -1.78 29.36
CA GLU B 236 10.38 -0.33 29.47
C GLU B 236 8.99 0.16 29.04
N LEU B 237 8.74 1.45 29.25
CA LEU B 237 7.58 2.16 28.68
C LEU B 237 6.22 1.59 29.17
N VAL B 238 6.24 0.99 30.36
CA VAL B 238 5.05 0.66 31.07
C VAL B 238 5.30 1.11 32.54
N PRO B 239 4.27 1.62 33.21
CA PRO B 239 4.44 2.09 34.58
C PRO B 239 4.86 0.98 35.55
N GLU B 240 5.49 1.38 36.65
CA GLU B 240 5.87 0.39 37.71
C GLU B 240 4.64 -0.30 38.31
N PRO B 241 4.84 -1.53 38.91
CA PRO B 241 3.76 -2.30 39.53
C PRO B 241 2.87 -1.48 40.47
N ALA B 242 3.47 -0.58 41.27
CA ALA B 242 2.69 0.22 42.25
C ALA B 242 1.47 0.93 41.63
MG MG C . 22.41 4.32 -28.81
CL CL D . 0.76 -12.38 -4.98
CL CL E . -9.04 -6.98 -21.08
CL CL F . 0.72 0.42 0.10
MG MG G . 9.44 -1.31 35.21
CL CL H . -3.34 12.90 4.35
CL CL I . -17.92 5.53 15.14
#